data_7QDT
#
_entry.id   7QDT
#
_cell.length_a   143.328
_cell.length_b   143.328
_cell.length_c   88.502
_cell.angle_alpha   90.00
_cell.angle_beta   90.00
_cell.angle_gamma   120.00
#
_symmetry.space_group_name_H-M   'P 64 2 2'
#
loop_
_entity.id
_entity.type
_entity.pdbx_description
1 polymer 'Isoform Alpha-1 of Thyroid hormone receptor alpha'
2 non-polymer "3,5,3'TRIIODOTHYRONINE"
3 water water
#
_entity_poly.entity_id   1
_entity_poly.type   'polypeptide(L)'
_entity_poly.pdbx_seq_one_letter_code
;QRPEPTPEEWDLIHIATEAHRSTNAQGSHWKQRRKFLPDDIGQSPIVSMPDGDKVDLEAFSEFTKIITPAITRVVDFAKK
LPMFSELPCEDQIILLKGCCMEIMSLRAAVRYDPESDTLTLSGEMAVKREQLKNGGLGVVSDAIFELGKSLSAFNLDDTE
VALLQAVLLMSTDRSGLLCVDKIEKSQEAYLLAFEHYVNHRKHNIPHFWPKLLMKVTDLRMIGACHASRFLHMKVE
;
_entity_poly.pdbx_strand_id   A
#
loop_
_chem_comp.id
_chem_comp.type
_chem_comp.name
_chem_comp.formula
T3 non-polymer 3,5,3'TRIIODOTHYRONINE 'C15 H12 I3 N O4'
#
# COMPACT_ATOMS: atom_id res chain seq x y z
N GLN A 1 -12.66 -14.50 -24.76
CA GLN A 1 -13.98 -14.39 -24.06
C GLN A 1 -14.06 -13.09 -23.24
N ARG A 2 -13.41 -13.10 -22.07
CA ARG A 2 -13.41 -11.93 -21.18
C ARG A 2 -12.38 -10.97 -21.73
N PRO A 3 -12.74 -9.69 -21.93
CA PRO A 3 -11.86 -8.73 -22.63
C PRO A 3 -10.53 -8.38 -21.94
N GLU A 4 -9.61 -7.87 -22.77
CA GLU A 4 -8.18 -7.79 -22.49
C GLU A 4 -7.62 -6.49 -22.96
N PRO A 5 -6.67 -5.93 -22.22
CA PRO A 5 -6.26 -4.57 -22.42
C PRO A 5 -6.25 -4.06 -23.85
N THR A 6 -6.88 -2.91 -24.07
CA THR A 6 -6.70 -2.18 -25.33
C THR A 6 -5.24 -1.72 -25.46
N PRO A 7 -4.85 -1.23 -26.63
CA PRO A 7 -3.47 -0.72 -26.68
C PRO A 7 -3.18 0.54 -25.85
N GLU A 8 -4.20 1.33 -25.54
CA GLU A 8 -3.99 2.54 -24.75
C GLU A 8 -3.84 2.07 -23.31
N GLU A 9 -4.50 0.97 -22.98
CA GLU A 9 -4.43 0.45 -21.64
C GLU A 9 -3.13 -0.33 -21.41
N TRP A 10 -2.48 -0.81 -22.47
CA TRP A 10 -1.14 -1.44 -22.31
C TRP A 10 -0.16 -0.33 -22.03
N ASP A 11 -0.37 0.82 -22.64
CA ASP A 11 0.46 1.94 -22.32
C ASP A 11 0.33 2.32 -20.82
N LEU A 12 -0.90 2.48 -20.35
CA LEU A 12 -1.17 2.85 -18.95
C LEU A 12 -0.47 1.95 -17.99
N ILE A 13 -0.45 0.67 -18.36
CA ILE A 13 0.14 -0.38 -17.55
C ILE A 13 1.66 -0.41 -17.50
N HIS A 14 2.27 -0.11 -18.63
CA HIS A 14 3.69 0.07 -18.64
C HIS A 14 4.05 1.17 -17.63
N ILE A 15 3.46 2.36 -17.83
CA ILE A 15 3.78 3.52 -17.00
C ILE A 15 3.56 3.23 -15.52
N ALA A 16 2.44 2.61 -15.21
CA ALA A 16 2.16 2.34 -13.83
C ALA A 16 3.08 1.23 -13.23
N THR A 17 3.37 0.17 -13.98
CA THR A 17 4.25 -0.84 -13.48
C THR A 17 5.67 -0.31 -13.25
N GLU A 18 6.14 0.56 -14.15
CA GLU A 18 7.49 1.11 -13.99
C GLU A 18 7.58 2.12 -12.79
N ALA A 19 6.48 2.82 -12.54
CA ALA A 19 6.42 3.76 -11.44
C ALA A 19 6.48 3.00 -10.12
N HIS A 20 5.76 1.89 -10.07
CA HIS A 20 5.77 1.05 -8.88
C HIS A 20 7.16 0.44 -8.74
N ARG A 21 7.67 -0.19 -9.77
CA ARG A 21 8.96 -0.86 -9.60
C ARG A 21 10.12 0.05 -9.24
N SER A 22 10.08 1.25 -9.80
CA SER A 22 11.11 2.22 -9.53
C SER A 22 11.08 2.82 -8.13
N THR A 23 10.05 2.53 -7.34
CA THR A 23 9.86 3.11 -6.02
C THR A 23 9.59 2.02 -4.98
N ASN A 24 9.79 0.77 -5.35
CA ASN A 24 9.61 -0.33 -4.43
C ASN A 24 10.95 -0.70 -3.78
N ALA A 25 11.13 -0.44 -2.49
CA ALA A 25 12.40 -0.63 -1.79
C ALA A 25 13.13 -1.91 -2.11
N GLN A 26 14.42 -1.78 -2.41
CA GLN A 26 15.29 -2.93 -2.81
C GLN A 26 14.86 -3.66 -4.06
N GLY A 27 13.80 -3.24 -4.73
CA GLY A 27 13.33 -3.86 -5.99
C GLY A 27 12.97 -5.35 -5.91
N SER A 28 12.90 -5.99 -7.05
CA SER A 28 12.38 -7.34 -7.08
C SER A 28 13.16 -8.40 -6.26
N HIS A 29 14.40 -8.15 -5.82
CA HIS A 29 15.14 -9.17 -5.06
C HIS A 29 15.26 -8.83 -3.59
N TRP A 30 14.30 -8.04 -3.11
CA TRP A 30 14.26 -7.57 -1.70
C TRP A 30 14.43 -8.66 -0.67
N LYS A 31 13.90 -9.86 -1.00
CA LYS A 31 13.85 -10.94 -0.03
C LYS A 31 15.25 -11.38 0.37
N GLN A 32 16.28 -11.17 -0.45
CA GLN A 32 17.65 -11.59 -0.12
C GLN A 32 18.42 -10.60 0.71
N ARG A 33 17.76 -9.56 1.20
CA ARG A 33 18.38 -8.68 2.18
C ARG A 33 17.32 -8.31 3.20
N ARG A 34 17.48 -8.87 4.40
CA ARG A 34 16.59 -8.74 5.52
C ARG A 34 17.35 -8.82 6.79
N LYS A 35 16.90 -8.05 7.77
CA LYS A 35 17.27 -8.21 9.15
C LYS A 35 15.95 -8.37 9.91
N PHE A 36 15.81 -9.46 10.66
CA PHE A 36 14.66 -9.66 11.57
C PHE A 36 14.80 -8.74 12.74
N LEU A 37 13.80 -7.91 12.96
CA LEU A 37 13.78 -7.10 14.16
C LEU A 37 13.96 -8.03 15.34
N PRO A 38 14.92 -7.69 16.23
CA PRO A 38 15.21 -8.72 17.24
C PRO A 38 14.08 -8.99 18.24
N ASP A 39 13.94 -10.28 18.61
CA ASP A 39 13.09 -10.78 19.70
C ASP A 39 12.82 -9.86 20.92
N ASP A 40 13.86 -9.36 21.57
CA ASP A 40 13.69 -8.56 22.78
C ASP A 40 12.95 -7.24 22.54
N ILE A 41 12.78 -6.84 21.29
CA ILE A 41 12.13 -5.56 20.93
C ILE A 41 10.66 -5.72 20.61
N GLY A 42 9.83 -4.83 21.16
CA GLY A 42 8.41 -4.82 20.82
C GLY A 42 7.57 -5.78 21.66
N GLN A 43 8.19 -6.31 22.70
CA GLN A 43 7.52 -7.26 23.55
C GLN A 43 6.81 -6.59 24.72
N SER A 44 7.23 -5.38 25.12
CA SER A 44 6.67 -4.78 26.34
C SER A 44 6.02 -3.36 26.17
N PRO A 45 4.70 -3.34 25.91
CA PRO A 45 3.92 -2.13 25.63
C PRO A 45 3.46 -1.37 26.82
N ILE A 46 4.36 -0.56 27.34
CA ILE A 46 4.19 -0.08 28.69
C ILE A 46 4.04 1.42 28.83
N VAL A 47 4.31 2.20 27.78
CA VAL A 47 4.41 3.67 27.92
C VAL A 47 3.17 4.31 27.41
N SER A 48 2.50 5.19 28.15
CA SER A 48 1.32 5.88 27.57
C SER A 48 1.72 6.94 26.51
N MET A 49 0.74 7.39 25.74
CA MET A 49 0.97 8.28 24.59
C MET A 49 0.02 9.44 24.67
N PRO A 50 0.33 10.56 23.98
CA PRO A 50 -0.58 11.69 24.12
C PRO A 50 -1.99 11.36 23.63
N ASP A 51 -2.14 10.30 22.82
CA ASP A 51 -3.47 9.84 22.32
C ASP A 51 -4.27 8.90 23.27
N GLY A 52 -3.66 8.41 24.37
CA GLY A 52 -4.35 7.56 25.37
C GLY A 52 -3.83 6.12 25.45
N ASP A 53 -3.04 5.72 24.46
CA ASP A 53 -2.66 4.32 24.33
C ASP A 53 -1.30 4.05 24.86
N LYS A 54 -1.03 2.76 25.01
CA LYS A 54 0.24 2.27 25.51
C LYS A 54 0.97 1.62 24.35
N VAL A 55 2.28 1.68 24.38
CA VAL A 55 3.10 1.39 23.23
C VAL A 55 4.47 1.07 23.77
N ASP A 56 5.10 0.04 23.20
CA ASP A 56 6.51 -0.25 23.41
C ASP A 56 7.22 0.78 22.59
N LEU A 57 7.75 1.77 23.27
CA LEU A 57 8.33 2.95 22.65
C LEU A 57 9.64 2.71 21.88
N GLU A 58 10.42 1.76 22.34
CA GLU A 58 11.65 1.42 21.65
C GLU A 58 11.27 1.00 20.26
N ALA A 59 10.24 0.19 20.17
CA ALA A 59 9.77 -0.36 18.89
C ALA A 59 9.23 0.72 17.96
N PHE A 60 8.39 1.55 18.53
CA PHE A 60 7.85 2.71 17.87
C PHE A 60 8.94 3.61 17.30
N SER A 61 10.04 3.79 18.04
CA SER A 61 11.20 4.47 17.48
C SER A 61 11.78 3.72 16.30
N GLU A 62 12.04 2.45 16.44
CA GLU A 62 12.67 1.73 15.34
C GLU A 62 11.85 1.83 14.07
N PHE A 63 10.52 1.85 14.22
CA PHE A 63 9.59 2.05 13.09
C PHE A 63 9.56 3.47 12.59
N THR A 64 9.45 4.42 13.49
CA THR A 64 9.37 5.80 13.08
C THR A 64 10.65 6.18 12.31
N LYS A 65 11.77 5.63 12.70
CA LYS A 65 13.04 5.90 11.98
C LYS A 65 13.01 5.57 10.45
N ILE A 66 12.21 4.60 9.99
CA ILE A 66 12.21 4.22 8.58
C ILE A 66 10.91 4.56 7.79
N ILE A 67 10.04 5.30 8.44
CA ILE A 67 8.78 5.57 7.86
C ILE A 67 8.85 6.74 6.89
N THR A 68 9.69 7.73 7.13
CA THR A 68 9.64 8.92 6.21
C THR A 68 10.08 8.51 4.77
N PRO A 69 11.23 7.82 4.65
CA PRO A 69 11.55 7.34 3.33
C PRO A 69 10.44 6.54 2.69
N ALA A 70 9.74 5.71 3.45
CA ALA A 70 8.66 4.93 2.86
C ALA A 70 7.55 5.83 2.31
N ILE A 71 7.26 6.90 3.04
CA ILE A 71 6.29 7.84 2.56
C ILE A 71 6.81 8.46 1.28
N THR A 72 8.05 8.93 1.32
CA THR A 72 8.65 9.54 0.13
C THR A 72 8.42 8.66 -1.11
N ARG A 73 8.73 7.38 -0.99
CA ARG A 73 8.52 6.50 -2.11
C ARG A 73 7.05 6.49 -2.58
N VAL A 74 6.07 6.63 -1.69
CA VAL A 74 4.71 6.65 -2.15
C VAL A 74 4.50 7.92 -2.97
N VAL A 75 5.05 9.01 -2.51
CA VAL A 75 4.92 10.23 -3.26
C VAL A 75 5.61 10.14 -4.64
N ASP A 76 6.84 9.61 -4.69
CA ASP A 76 7.57 9.40 -5.95
C ASP A 76 6.69 8.61 -6.90
N PHE A 77 6.08 7.55 -6.40
CA PHE A 77 5.20 6.75 -7.23
C PHE A 77 4.07 7.56 -7.81
N ALA A 78 3.41 8.32 -6.96
CA ALA A 78 2.21 9.04 -7.40
C ALA A 78 2.57 9.96 -8.53
N LYS A 79 3.62 10.74 -8.29
CA LYS A 79 4.11 11.75 -9.22
C LYS A 79 4.56 11.21 -10.56
N LYS A 80 4.78 9.91 -10.64
CA LYS A 80 5.08 9.29 -11.92
C LYS A 80 3.86 8.86 -12.69
N LEU A 81 2.65 9.03 -12.16
CA LEU A 81 1.41 8.71 -12.92
C LEU A 81 0.89 9.98 -13.51
N PRO A 82 0.85 10.07 -14.84
CA PRO A 82 0.48 11.34 -15.46
C PRO A 82 -0.91 11.80 -15.09
N MET A 83 -1.84 10.88 -14.89
CA MET A 83 -3.15 11.38 -14.52
C MET A 83 -3.16 12.03 -13.14
N PHE A 84 -2.24 11.65 -12.28
CA PHE A 84 -2.08 12.29 -10.97
C PHE A 84 -1.37 13.63 -11.04
N SER A 85 -0.38 13.78 -11.91
CA SER A 85 0.41 15.03 -11.95
C SER A 85 -0.32 16.21 -12.54
N GLU A 86 -1.22 15.96 -13.49
CA GLU A 86 -2.19 16.91 -13.99
C GLU A 86 -3.18 17.47 -12.96
N LEU A 87 -3.30 16.88 -11.79
CA LEU A 87 -4.19 17.41 -10.79
C LEU A 87 -3.59 18.67 -10.16
N PRO A 88 -4.46 19.60 -9.71
CA PRO A 88 -4.02 20.71 -8.91
C PRO A 88 -3.21 20.25 -7.70
N CYS A 89 -2.34 21.12 -7.28
CA CYS A 89 -1.55 20.93 -6.11
C CYS A 89 -2.45 20.59 -4.91
N GLU A 90 -3.58 21.24 -4.80
CA GLU A 90 -4.42 21.11 -3.60
C GLU A 90 -4.95 19.68 -3.50
N ASP A 91 -5.40 19.17 -4.63
CA ASP A 91 -5.94 17.85 -4.67
C ASP A 91 -4.86 16.78 -4.57
N GLN A 92 -3.66 17.05 -5.04
CA GLN A 92 -2.61 16.04 -4.96
C GLN A 92 -2.28 15.72 -3.53
N ILE A 93 -2.32 16.76 -2.71
CA ILE A 93 -1.90 16.64 -1.34
C ILE A 93 -2.96 15.90 -0.55
N ILE A 94 -4.22 16.21 -0.81
CA ILE A 94 -5.29 15.48 -0.21
C ILE A 94 -5.13 13.99 -0.52
N LEU A 95 -5.02 13.68 -1.79
CA LEU A 95 -5.07 12.33 -2.27
C LEU A 95 -3.96 11.52 -1.67
N LEU A 96 -2.82 12.19 -1.43
CA LEU A 96 -1.60 11.53 -0.92
C LEU A 96 -1.68 11.21 0.55
N LYS A 97 -1.96 12.22 1.34
CA LYS A 97 -2.33 12.09 2.74
C LYS A 97 -3.36 11.01 2.97
N GLY A 98 -4.27 10.86 1.99
CA GLY A 98 -5.33 9.89 2.06
C GLY A 98 -4.99 8.46 1.79
N CYS A 99 -4.05 8.17 0.90
CA CYS A 99 -3.76 6.75 0.58
C CYS A 99 -2.41 6.25 1.08
N CYS A 100 -1.69 7.09 1.76
CA CYS A 100 -0.34 6.78 2.00
C CYS A 100 -0.26 5.49 2.86
N MET A 101 -1.10 5.37 3.89
CA MET A 101 -1.12 4.10 4.66
C MET A 101 -1.74 2.94 3.84
N GLU A 102 -2.86 3.16 3.17
CA GLU A 102 -3.40 2.15 2.25
C GLU A 102 -2.21 1.57 1.46
N ILE A 103 -1.34 2.40 0.92
CA ILE A 103 -0.29 1.88 0.04
C ILE A 103 0.90 1.29 0.79
N MET A 104 1.48 1.97 1.74
CA MET A 104 2.52 1.29 2.51
C MET A 104 2.05 -0.09 3.07
N SER A 105 0.80 -0.16 3.54
CA SER A 105 0.21 -1.40 4.04
C SER A 105 0.20 -2.50 2.94
N LEU A 106 -0.38 -2.19 1.80
CA LEU A 106 -0.34 -3.15 0.71
C LEU A 106 1.09 -3.55 0.36
N ARG A 107 2.00 -2.57 0.37
CA ARG A 107 3.38 -2.83 0.06
C ARG A 107 4.07 -3.79 1.02
N ALA A 108 3.71 -3.75 2.28
CA ALA A 108 4.21 -4.74 3.20
C ALA A 108 3.51 -6.08 3.02
N ALA A 109 2.22 -6.05 2.73
CA ALA A 109 1.43 -7.23 2.80
C ALA A 109 1.86 -8.18 1.71
N VAL A 110 2.00 -7.67 0.50
CA VAL A 110 2.58 -8.51 -0.56
C VAL A 110 4.01 -8.92 -0.30
N ARG A 111 4.68 -8.40 0.71
CA ARG A 111 5.97 -8.97 1.09
C ARG A 111 5.87 -9.79 2.43
N TYR A 112 4.69 -10.41 2.59
CA TYR A 112 4.45 -11.34 3.68
C TYR A 112 5.24 -12.62 3.40
N ASP A 113 5.97 -13.08 4.40
CA ASP A 113 6.77 -14.30 4.31
C ASP A 113 6.17 -15.47 5.14
N PRO A 114 5.46 -16.42 4.50
CA PRO A 114 4.94 -17.55 5.29
C PRO A 114 6.06 -18.35 5.94
N GLU A 115 7.20 -18.57 5.27
CA GLU A 115 8.34 -19.27 5.90
C GLU A 115 8.57 -18.78 7.38
N SER A 116 8.45 -17.49 7.70
CA SER A 116 8.75 -16.98 9.07
C SER A 116 7.59 -16.22 9.72
N ASP A 117 6.44 -16.21 9.03
CA ASP A 117 5.29 -15.43 9.48
C ASP A 117 5.72 -14.00 9.86
N THR A 118 6.43 -13.34 8.94
CA THR A 118 6.80 -11.93 9.07
C THR A 118 6.27 -11.06 7.92
N LEU A 119 6.05 -9.80 8.22
CA LEU A 119 5.88 -8.82 7.19
C LEU A 119 7.29 -8.26 6.94
N THR A 120 7.52 -7.70 5.76
CA THR A 120 8.82 -7.12 5.47
C THR A 120 8.63 -5.64 5.20
N LEU A 121 9.19 -4.80 6.03
CA LEU A 121 9.00 -3.39 5.88
C LEU A 121 10.13 -2.74 5.11
N SER A 122 9.80 -1.85 4.15
CA SER A 122 10.78 -1.24 3.22
C SER A 122 11.82 -2.27 2.76
N GLY A 123 11.36 -3.44 2.32
CA GLY A 123 12.24 -4.50 1.79
C GLY A 123 13.35 -5.10 2.65
N GLU A 124 13.53 -4.59 3.87
CA GLU A 124 14.63 -4.98 4.73
C GLU A 124 14.21 -5.50 6.13
N MET A 125 13.29 -4.82 6.81
CA MET A 125 12.93 -5.15 8.22
C MET A 125 11.86 -6.23 8.28
N ALA A 126 12.22 -7.40 8.77
CA ALA A 126 11.23 -8.49 8.91
C ALA A 126 10.65 -8.36 10.29
N VAL A 127 9.32 -8.25 10.40
CA VAL A 127 8.64 -8.13 11.69
C VAL A 127 7.56 -9.14 11.92
N LYS A 128 7.37 -9.45 13.21
CA LYS A 128 6.30 -10.31 13.72
C LYS A 128 5.06 -9.48 14.10
N ARG A 129 3.89 -10.09 13.93
CA ARG A 129 2.59 -9.51 14.30
C ARG A 129 2.65 -8.77 15.65
N GLU A 130 3.19 -9.41 16.67
CA GLU A 130 3.20 -8.74 17.97
C GLU A 130 4.10 -7.51 18.04
N GLN A 131 5.25 -7.50 17.35
CA GLN A 131 6.16 -6.33 17.41
C GLN A 131 5.45 -5.08 16.85
N LEU A 132 4.73 -5.24 15.76
CA LEU A 132 4.06 -4.12 15.12
C LEU A 132 2.71 -3.79 15.79
N LYS A 133 2.07 -4.76 16.43
CA LYS A 133 0.96 -4.45 17.30
C LYS A 133 1.49 -3.52 18.41
N ASN A 134 2.56 -3.91 19.09
CA ASN A 134 3.00 -3.15 20.28
C ASN A 134 3.72 -1.87 19.89
N GLY A 135 4.15 -1.81 18.65
CA GLY A 135 4.86 -0.63 18.21
C GLY A 135 3.98 0.52 17.84
N GLY A 136 2.66 0.35 17.81
CA GLY A 136 1.78 1.48 17.58
C GLY A 136 0.60 1.28 16.65
N LEU A 137 0.55 0.16 15.94
CA LEU A 137 -0.66 -0.22 15.19
C LEU A 137 -1.40 -1.18 16.05
N GLY A 138 -2.68 -1.16 16.10
CA GLY A 138 -3.15 -1.97 17.22
C GLY A 138 -3.55 -3.23 16.59
N VAL A 139 -4.87 -3.33 16.53
CA VAL A 139 -5.50 -4.28 15.71
C VAL A 139 -5.05 -4.15 14.25
N VAL A 140 -4.66 -2.94 13.84
CA VAL A 140 -4.21 -2.75 12.46
C VAL A 140 -3.06 -3.72 12.13
N SER A 141 -2.18 -4.02 13.09
CA SER A 141 -1.23 -5.05 12.81
C SER A 141 -1.92 -6.36 12.37
N ASP A 142 -2.93 -6.78 13.14
CA ASP A 142 -3.61 -8.05 12.87
C ASP A 142 -4.24 -8.02 11.47
N ALA A 143 -4.78 -6.87 11.08
CA ALA A 143 -5.48 -6.71 9.81
C ALA A 143 -4.57 -6.85 8.60
N ILE A 144 -3.37 -6.29 8.68
CA ILE A 144 -2.41 -6.41 7.59
C ILE A 144 -1.85 -7.80 7.44
N PHE A 145 -1.56 -8.46 8.56
CA PHE A 145 -1.12 -9.83 8.46
C PHE A 145 -2.17 -10.77 7.84
N GLU A 146 -3.44 -10.62 8.25
CA GLU A 146 -4.50 -11.48 7.70
C GLU A 146 -4.48 -11.28 6.18
N LEU A 147 -4.32 -10.04 5.77
CA LEU A 147 -4.23 -9.69 4.34
C LEU A 147 -3.00 -10.27 3.66
N GLY A 148 -1.86 -10.23 4.33
CA GLY A 148 -0.67 -10.86 3.83
C GLY A 148 -0.94 -12.30 3.50
N LYS A 149 -1.52 -13.03 4.44
CA LYS A 149 -1.68 -14.47 4.30
C LYS A 149 -2.68 -14.66 3.21
N SER A 150 -3.64 -13.76 3.14
CA SER A 150 -4.68 -13.88 2.16
C SER A 150 -4.15 -13.68 0.72
N LEU A 151 -3.16 -12.83 0.53
CA LEU A 151 -2.63 -12.56 -0.81
C LEU A 151 -1.58 -13.57 -1.30
N SER A 152 -0.87 -14.27 -0.40
CA SER A 152 0.04 -15.39 -0.78
C SER A 152 -0.54 -16.15 -1.93
N ALA A 153 -1.80 -16.55 -1.75
CA ALA A 153 -2.55 -17.32 -2.73
C ALA A 153 -2.84 -16.60 -4.06
N PHE A 154 -3.12 -15.30 -4.04
CA PHE A 154 -3.51 -14.62 -5.29
C PHE A 154 -2.32 -14.43 -6.24
N ASN A 155 -1.12 -14.37 -5.63
CA ASN A 155 0.14 -14.42 -6.35
C ASN A 155 0.25 -13.26 -7.27
N LEU A 156 0.24 -12.07 -6.70
CA LEU A 156 0.11 -10.89 -7.53
C LEU A 156 1.46 -10.57 -8.11
N ASP A 157 1.43 -9.97 -9.29
CA ASP A 157 2.64 -9.46 -9.90
C ASP A 157 2.77 -7.91 -9.79
N ASP A 158 3.93 -7.37 -10.15
CA ASP A 158 4.22 -5.97 -9.91
C ASP A 158 3.19 -5.12 -10.64
N THR A 159 2.66 -5.61 -11.74
CA THR A 159 1.61 -4.86 -12.45
C THR A 159 0.32 -4.83 -11.65
N GLU A 160 -0.13 -5.98 -11.18
CA GLU A 160 -1.36 -6.05 -10.41
C GLU A 160 -1.27 -5.12 -9.22
N VAL A 161 -0.17 -5.24 -8.49
CA VAL A 161 0.10 -4.36 -7.38
C VAL A 161 0.17 -2.90 -7.83
N ALA A 162 0.89 -2.62 -8.91
CA ALA A 162 0.99 -1.21 -9.37
C ALA A 162 -0.39 -0.63 -9.57
N LEU A 163 -1.21 -1.36 -10.30
CA LEU A 163 -2.54 -0.91 -10.64
C LEU A 163 -3.50 -0.84 -9.43
N LEU A 164 -3.27 -1.76 -8.52
CA LEU A 164 -4.01 -1.75 -7.31
C LEU A 164 -3.71 -0.42 -6.61
N GLN A 165 -2.41 -0.08 -6.45
CA GLN A 165 -2.01 1.19 -5.88
C GLN A 165 -2.62 2.44 -6.52
N ALA A 166 -2.75 2.47 -7.84
CA ALA A 166 -3.34 3.64 -8.50
C ALA A 166 -4.85 3.72 -8.21
N VAL A 167 -5.49 2.57 -8.04
CA VAL A 167 -6.89 2.64 -7.67
C VAL A 167 -7.06 3.19 -6.28
N LEU A 168 -6.21 2.80 -5.35
CA LEU A 168 -6.19 3.41 -4.02
C LEU A 168 -5.95 4.94 -4.00
N LEU A 169 -5.12 5.40 -4.92
CA LEU A 169 -4.62 6.76 -4.89
C LEU A 169 -5.68 7.71 -5.38
N MET A 170 -6.26 7.36 -6.54
CA MET A 170 -7.35 8.12 -7.15
C MET A 170 -8.73 7.70 -6.56
N SER A 171 -8.88 7.81 -5.24
CA SER A 171 -10.14 7.69 -4.56
C SER A 171 -10.88 9.00 -4.64
N THR A 172 -12.15 8.90 -4.98
CA THR A 172 -12.94 10.09 -4.95
C THR A 172 -13.51 10.35 -3.58
N ASP A 173 -13.21 9.50 -2.60
CA ASP A 173 -13.83 9.52 -1.27
C ASP A 173 -12.98 10.23 -0.20
N ARG A 174 -12.78 11.54 -0.35
CA ARG A 174 -11.90 12.33 0.50
C ARG A 174 -12.48 13.75 0.62
N SER A 175 -12.43 14.31 1.84
CA SER A 175 -12.94 15.65 2.07
C SER A 175 -12.05 16.66 1.30
N GLY A 176 -12.65 17.56 0.54
CA GLY A 176 -11.92 18.76 0.12
C GLY A 176 -11.44 18.85 -1.33
N LEU A 177 -11.78 17.86 -2.15
CA LEU A 177 -11.24 17.84 -3.53
C LEU A 177 -11.85 18.94 -4.37
N LEU A 178 -11.05 19.60 -5.21
CA LEU A 178 -11.56 20.52 -6.26
C LEU A 178 -12.06 19.68 -7.45
N CYS A 179 -11.14 19.05 -8.19
CA CYS A 179 -11.40 18.36 -9.46
C CYS A 179 -11.87 16.93 -9.22
N VAL A 180 -13.00 16.79 -8.57
CA VAL A 180 -13.61 15.46 -8.33
C VAL A 180 -13.87 14.68 -9.64
N ASP A 181 -14.39 15.32 -10.68
CA ASP A 181 -14.74 14.55 -11.86
C ASP A 181 -13.51 13.96 -12.51
N LYS A 182 -12.38 14.69 -12.52
CA LYS A 182 -11.13 14.18 -13.18
C LYS A 182 -10.59 12.94 -12.46
N ILE A 183 -10.59 13.04 -11.14
CA ILE A 183 -10.20 11.93 -10.33
C ILE A 183 -11.07 10.68 -10.57
N GLU A 184 -12.38 10.85 -10.73
CA GLU A 184 -13.22 9.70 -10.95
C GLU A 184 -13.00 9.10 -12.36
N LYS A 185 -12.71 9.94 -13.36
CA LYS A 185 -12.40 9.43 -14.72
C LYS A 185 -11.13 8.57 -14.68
N SER A 186 -10.10 9.09 -14.05
CA SER A 186 -8.89 8.38 -13.87
C SER A 186 -9.04 7.09 -13.03
N GLN A 187 -9.78 7.15 -11.94
CA GLN A 187 -10.04 5.91 -11.22
C GLN A 187 -10.70 4.88 -12.14
N GLU A 188 -11.70 5.32 -12.89
CA GLU A 188 -12.40 4.40 -13.78
C GLU A 188 -11.48 3.79 -14.85
N ALA A 189 -10.63 4.63 -15.43
CA ALA A 189 -9.60 4.14 -16.38
C ALA A 189 -8.71 3.07 -15.77
N TYR A 190 -8.16 3.34 -14.59
CA TYR A 190 -7.31 2.38 -13.93
C TYR A 190 -8.05 1.07 -13.59
N LEU A 191 -9.26 1.18 -13.07
CA LEU A 191 -10.07 0.01 -12.71
C LEU A 191 -10.29 -0.84 -13.90
N LEU A 192 -10.56 -0.23 -15.02
CA LEU A 192 -10.96 -1.01 -16.18
C LEU A 192 -9.76 -1.75 -16.82
N ALA A 193 -8.66 -1.03 -17.03
CA ALA A 193 -7.32 -1.66 -17.28
C ALA A 193 -6.93 -2.74 -16.33
N PHE A 194 -7.15 -2.54 -15.03
CA PHE A 194 -6.81 -3.57 -14.05
C PHE A 194 -7.64 -4.83 -14.23
N GLU A 195 -8.95 -4.65 -14.48
CA GLU A 195 -9.88 -5.79 -14.68
C GLU A 195 -9.50 -6.56 -15.91
N HIS A 196 -9.18 -5.82 -16.96
CA HIS A 196 -8.67 -6.42 -18.17
C HIS A 196 -7.33 -7.16 -17.97
N TYR A 197 -6.39 -6.59 -17.25
CA TYR A 197 -5.09 -7.26 -17.09
C TYR A 197 -5.29 -8.55 -16.33
N VAL A 198 -6.29 -8.54 -15.47
CA VAL A 198 -6.55 -9.74 -14.68
C VAL A 198 -7.16 -10.87 -15.53
N ASN A 199 -7.95 -10.46 -16.52
CA ASN A 199 -8.45 -11.37 -17.54
C ASN A 199 -7.27 -12.00 -18.22
N HIS A 200 -6.41 -11.15 -18.78
CA HIS A 200 -5.26 -11.61 -19.52
C HIS A 200 -4.43 -12.62 -18.77
N ARG A 201 -4.41 -12.61 -17.45
CA ARG A 201 -3.76 -13.71 -16.71
C ARG A 201 -4.78 -14.77 -16.32
N LYS A 202 -4.69 -15.98 -16.81
CA LYS A 202 -5.74 -16.93 -16.45
C LYS A 202 -5.31 -17.25 -15.08
N HIS A 203 -6.08 -16.81 -14.11
CA HIS A 203 -5.74 -17.08 -12.74
C HIS A 203 -6.42 -18.37 -12.33
N ASN A 204 -5.67 -19.32 -11.76
CA ASN A 204 -6.24 -20.65 -11.44
C ASN A 204 -7.08 -20.56 -10.16
N ILE A 205 -7.90 -19.51 -10.05
CA ILE A 205 -8.77 -19.23 -8.89
C ILE A 205 -10.11 -18.75 -9.43
N PRO A 206 -11.21 -19.25 -8.86
CA PRO A 206 -12.50 -18.76 -9.32
C PRO A 206 -12.76 -17.39 -8.71
N HIS A 207 -13.45 -16.56 -9.48
CA HIS A 207 -13.91 -15.30 -8.93
C HIS A 207 -12.80 -14.39 -8.50
N PHE A 208 -11.71 -14.42 -9.22
CA PHE A 208 -10.49 -13.76 -8.77
C PHE A 208 -10.75 -12.27 -8.70
N TRP A 209 -11.26 -11.71 -9.77
CA TRP A 209 -11.45 -10.30 -9.80
C TRP A 209 -12.30 -9.81 -8.64
N PRO A 210 -13.53 -10.31 -8.50
CA PRO A 210 -14.30 -9.73 -7.39
C PRO A 210 -13.68 -9.96 -6.01
N LYS A 211 -13.19 -11.17 -5.77
CA LYS A 211 -12.43 -11.44 -4.54
C LYS A 211 -11.31 -10.39 -4.27
N LEU A 212 -10.64 -9.96 -5.32
CA LEU A 212 -9.57 -8.99 -5.20
C LEU A 212 -10.10 -7.58 -4.91
N LEU A 213 -11.16 -7.14 -5.62
CA LEU A 213 -11.90 -5.88 -5.28
C LEU A 213 -12.27 -5.84 -3.80
N MET A 214 -12.53 -6.99 -3.19
CA MET A 214 -12.82 -6.94 -1.78
C MET A 214 -11.63 -6.49 -0.95
N LYS A 215 -10.40 -6.81 -1.37
CA LYS A 215 -9.24 -6.40 -0.60
C LYS A 215 -9.01 -4.86 -0.73
N VAL A 216 -9.67 -4.21 -1.68
CA VAL A 216 -9.64 -2.76 -1.68
C VAL A 216 -10.31 -2.26 -0.39
N THR A 217 -11.51 -2.76 -0.12
CA THR A 217 -12.22 -2.35 1.07
C THR A 217 -11.36 -2.60 2.34
N ASP A 218 -10.56 -3.66 2.37
CA ASP A 218 -9.79 -3.97 3.59
C ASP A 218 -8.68 -2.95 3.79
N LEU A 219 -8.17 -2.47 2.65
CA LEU A 219 -7.07 -1.55 2.63
C LEU A 219 -7.55 -0.17 2.95
N ARG A 220 -8.69 0.21 2.41
CA ARG A 220 -9.32 1.48 2.85
C ARG A 220 -9.69 1.45 4.37
N MET A 221 -9.99 0.27 4.91
CA MET A 221 -10.21 0.13 6.36
C MET A 221 -8.96 0.42 7.09
N ILE A 222 -7.89 -0.27 6.75
CA ILE A 222 -6.62 0.03 7.35
C ILE A 222 -6.31 1.53 7.33
N GLY A 223 -6.56 2.17 6.19
CA GLY A 223 -6.16 3.56 6.02
C GLY A 223 -6.98 4.46 6.89
N ALA A 224 -8.25 4.11 7.04
CA ALA A 224 -9.14 4.83 7.95
C ALA A 224 -8.76 4.67 9.44
N CYS A 225 -8.40 3.50 9.93
CA CYS A 225 -7.91 3.39 11.31
C CYS A 225 -6.63 4.07 11.62
N HIS A 226 -5.71 4.24 10.67
CA HIS A 226 -4.40 4.72 11.08
C HIS A 226 -4.07 6.03 10.37
N ALA A 227 -5.05 6.92 10.36
CA ALA A 227 -5.00 8.10 9.53
C ALA A 227 -4.37 9.33 10.21
N SER A 228 -4.37 9.36 11.53
CA SER A 228 -3.76 10.45 12.29
C SER A 228 -2.41 10.90 11.77
N ARG A 229 -1.43 10.00 11.69
CA ARG A 229 -0.07 10.53 11.51
C ARG A 229 0.23 10.96 10.12
N PHE A 230 -0.76 11.16 9.27
CA PHE A 230 -0.50 11.71 7.95
C PHE A 230 -1.11 13.14 7.89
N LEU A 231 -0.40 14.07 8.56
CA LEU A 231 -0.24 15.53 8.22
C LEU A 231 1.26 15.79 7.92
N HIS A 232 1.62 14.97 6.91
CA HIS A 232 2.88 14.68 6.26
C HIS A 232 3.14 15.97 5.47
N MET A 233 4.34 16.06 4.91
CA MET A 233 4.79 17.22 4.17
C MET A 233 4.91 16.77 2.69
N LYS A 234 3.88 17.04 1.86
CA LYS A 234 3.91 16.80 0.41
C LYS A 234 4.50 18.06 -0.21
N VAL A 235 5.43 17.94 -1.16
CA VAL A 235 6.16 19.10 -1.73
C VAL A 235 5.69 19.32 -3.16
N GLU A 236 4.43 19.13 -3.50
CA GLU A 236 3.88 19.93 -4.65
C GLU A 236 2.39 20.33 -4.57
C1 T3 B . 6.00 0.39 5.44
C2 T3 B . 4.10 1.33 10.15
C3 T3 B . 6.72 0.99 6.45
C4 T3 B . 4.29 1.39 11.53
C5 T3 B . 6.35 0.97 7.79
C6 T3 B . 3.74 2.40 12.33
C7 T3 B . 5.12 0.31 8.15
C8 T3 B . 2.96 3.45 11.69
C9 T3 B . 4.37 -0.32 7.09
C10 T3 B . 2.79 3.38 10.32
C11 T3 B . 4.85 -0.24 5.78
C12 T3 B . 3.35 2.35 9.56
C13 T3 B . 6.47 0.46 4.02
CA T3 B . 6.27 -0.79 3.20
C T3 B . 6.96 -0.57 1.87
I1 T3 B . 7.44 1.91 9.32
I2 T3 B . 3.98 2.49 14.41
I3 T3 B . 2.59 -1.37 7.53
N T3 B . 6.85 -1.88 3.93
O1 T3 B . 2.44 4.41 12.47
O2 T3 B . 4.67 0.28 9.46
OXT T3 B . 7.33 -1.56 1.18
O T3 B . 7.16 0.60 1.50
#